data_5M4Z
#
_entry.id   5M4Z
#
_cell.length_a   51.290
_cell.length_b   52.780
_cell.length_c   63.920
_cell.angle_alpha   72.470
_cell.angle_beta   68.030
_cell.angle_gamma   61.150
#
_symmetry.space_group_name_H-M   'P 1'
#
loop_
_entity.id
_entity.type
_entity.pdbx_description
1 polymer 'Thymidylate synthase'
2 non-polymer '[(2~{R},3~{S},5~{R})-5-[(4~{E})-4-hydroxyimino-2-oxidanylidene-1,3-diazinan-1-yl]-3-oxidanyl-oxolan-2-yl]methyl dihydrogen phosphate'
3 non-polymer GLYCEROL
4 water water
#
_entity_poly.entity_id   1
_entity_poly.type   'polypeptide(L)'
_entity_poly.pdbx_seq_one_letter_code
;MKHHHHHHHMHAQMTETVHKLDTNSTSQDDYVNQEELNYLNQLKDIIDHGVRKNDRTGIGTLSTFGTQSRYCLRDDIFPL
LTTKRVFWRGVVEELLWFISGSTNAKQLSEKNVNIWDGNSSREFLDSRGLYNYEEGDLGPVYGFQWRHFGCPYSSMTADY
KGKGYDQLQQCIKMIREEPESRRIIMTAWNPCDLEKVALPPCHCFVQFYVADGELSCQMYQRSADMGLGVPFNIASYSLL
TRMIAHITSLKPGFFIHTIGDAHVYLTHVDALKVQMERKPRPFPKLKILRNVENIDDFRAEDFELINYKPYPKISMPMAV
;
_entity_poly.pdbx_strand_id   A,B
#
# COMPACT_ATOMS: atom_id res chain seq x y z
N TYR A 31 27.14 21.33 -2.15
CA TYR A 31 25.77 20.85 -1.97
C TYR A 31 25.71 19.34 -2.18
N VAL A 32 24.86 18.69 -1.41
CA VAL A 32 24.61 17.26 -1.52
C VAL A 32 23.11 17.05 -1.59
N ASN A 33 22.67 16.32 -2.60
CA ASN A 33 21.24 16.02 -2.77
C ASN A 33 20.95 14.73 -2.01
N GLN A 34 20.49 14.86 -0.77
CA GLN A 34 20.34 13.70 0.10
C GLN A 34 19.28 12.75 -0.42
N GLU A 35 18.18 13.26 -0.99
CA GLU A 35 17.12 12.37 -1.46
C GLU A 35 17.60 11.54 -2.65
N GLU A 36 18.32 12.16 -3.57
CA GLU A 36 18.83 11.37 -4.68
C GLU A 36 19.93 10.41 -4.22
N LEU A 37 20.79 10.84 -3.31
CA LEU A 37 21.77 9.91 -2.75
C LEU A 37 21.09 8.72 -2.09
N ASN A 38 19.97 8.94 -1.42
CA ASN A 38 19.25 7.83 -0.82
CA ASN A 38 19.23 7.83 -0.82
C ASN A 38 18.80 6.83 -1.88
N TYR A 39 18.32 7.33 -3.03
CA TYR A 39 17.94 6.45 -4.14
C TYR A 39 19.14 5.66 -4.64
N LEU A 40 20.28 6.33 -4.80
CA LEU A 40 21.47 5.63 -5.26
C LEU A 40 21.93 4.61 -4.23
N ASN A 41 21.78 4.92 -2.93
CA ASN A 41 22.12 3.95 -1.90
C ASN A 41 21.22 2.73 -1.93
N GLN A 42 19.94 2.93 -2.26
CA GLN A 42 19.03 1.79 -2.40
C GLN A 42 19.39 0.95 -3.62
N LEU A 43 19.79 1.60 -4.72
CA LEU A 43 20.30 0.85 -5.87
C LEU A 43 21.48 0.01 -5.45
N LYS A 44 22.41 0.61 -4.70
CA LYS A 44 23.62 -0.09 -4.31
C LYS A 44 23.28 -1.28 -3.42
N ASP A 45 22.32 -1.12 -2.51
CA ASP A 45 21.94 -2.22 -1.64
C ASP A 45 21.35 -3.37 -2.43
N ILE A 46 20.54 -3.06 -3.44
CA ILE A 46 19.97 -4.12 -4.27
C ILE A 46 21.06 -4.80 -5.09
N ILE A 47 21.95 -4.03 -5.71
CA ILE A 47 23.00 -4.62 -6.54
C ILE A 47 23.95 -5.47 -5.72
N ASP A 48 24.34 -4.99 -4.53
CA ASP A 48 25.35 -5.68 -3.75
C ASP A 48 24.76 -6.78 -2.86
N HIS A 49 23.51 -6.64 -2.44
CA HIS A 49 22.94 -7.52 -1.43
C HIS A 49 21.56 -8.04 -1.78
N GLY A 50 21.04 -7.68 -2.96
CA GLY A 50 19.74 -8.16 -3.35
C GLY A 50 19.75 -9.64 -3.67
N VAL A 51 18.56 -10.21 -3.63
CA VAL A 51 18.40 -11.62 -3.93
C VAL A 51 18.10 -11.81 -5.41
N ARG A 52 18.71 -12.84 -6.02
CA ARG A 52 18.36 -13.19 -7.39
C ARG A 52 16.93 -13.72 -7.46
N LYS A 53 16.13 -13.14 -8.35
CA LYS A 53 14.81 -13.65 -8.68
C LYS A 53 14.72 -13.76 -10.19
N ASN A 54 14.14 -14.84 -10.69
CA ASN A 54 14.04 -15.04 -12.14
C ASN A 54 12.59 -14.99 -12.60
N GLY A 58 13.41 -17.02 -17.89
CA GLY A 58 14.66 -17.19 -17.17
C GLY A 58 15.40 -15.90 -16.92
N ILE A 59 14.79 -14.78 -17.35
CA ILE A 59 15.39 -13.47 -17.15
C ILE A 59 15.45 -13.17 -15.66
N GLY A 60 16.50 -12.45 -15.27
CA GLY A 60 16.86 -12.32 -13.87
C GLY A 60 16.86 -10.90 -13.35
N THR A 61 16.48 -10.77 -12.10
CA THR A 61 16.61 -9.53 -11.36
C THR A 61 17.40 -9.78 -10.08
N LEU A 62 17.86 -8.68 -9.51
CA LEU A 62 18.25 -8.60 -8.10
C LEU A 62 17.16 -7.81 -7.40
N SER A 63 16.74 -8.28 -6.24
CA SER A 63 15.51 -7.80 -5.63
C SER A 63 15.63 -7.64 -4.11
N THR A 64 14.86 -6.70 -3.59
CA THR A 64 14.56 -6.62 -2.17
C THR A 64 13.07 -6.36 -2.05
N PHE A 65 12.54 -6.61 -0.86
CA PHE A 65 11.11 -6.45 -0.60
C PHE A 65 10.90 -5.50 0.55
N GLY A 66 10.15 -4.43 0.31
CA GLY A 66 9.78 -3.48 1.34
C GLY A 66 10.79 -2.36 1.47
N THR A 67 10.52 -1.25 0.78
CA THR A 67 11.34 -0.05 0.90
C THR A 67 10.42 1.16 1.03
N GLN A 68 10.97 2.25 1.53
CA GLN A 68 10.20 3.47 1.61
C GLN A 68 11.16 4.65 1.56
N SER A 69 10.78 5.68 0.79
CA SER A 69 11.54 6.92 0.69
C SER A 69 10.59 8.09 0.72
N ARG A 70 11.07 9.19 1.29
CA ARG A 70 10.32 10.43 1.39
C ARG A 70 10.98 11.52 0.56
N TYR A 71 10.16 12.28 -0.16
CA TYR A 71 10.60 13.39 -1.02
C TYR A 71 9.90 14.66 -0.59
N CYS A 72 10.68 15.68 -0.25
CA CYS A 72 10.09 16.95 0.18
C CYS A 72 9.69 17.78 -1.02
N LEU A 73 8.44 18.24 -1.03
CA LEU A 73 7.92 19.08 -2.11
C LEU A 73 7.80 20.54 -1.69
N ARG A 74 8.25 20.89 -0.49
CA ARG A 74 8.20 22.27 -0.03
C ARG A 74 9.07 23.16 -0.91
N ASP A 75 8.74 24.45 -0.93
CA ASP A 75 9.48 25.44 -1.69
C ASP A 75 9.47 25.14 -3.18
N ASP A 76 8.50 24.36 -3.64
CA ASP A 76 8.32 23.97 -5.03
C ASP A 76 9.46 23.12 -5.56
N ILE A 77 10.29 22.57 -4.68
CA ILE A 77 11.34 21.65 -5.10
C ILE A 77 10.70 20.38 -5.62
N PHE A 78 11.24 19.87 -6.73
CA PHE A 78 10.58 18.80 -7.45
C PHE A 78 11.57 17.67 -7.71
N PRO A 79 11.28 16.43 -7.23
CA PRO A 79 12.30 15.35 -7.21
C PRO A 79 12.40 14.61 -8.53
N LEU A 80 12.85 15.35 -9.56
CA LEU A 80 13.18 14.79 -10.86
C LEU A 80 14.67 14.48 -10.83
N LEU A 81 15.00 13.18 -10.92
CA LEU A 81 16.36 12.75 -10.68
C LEU A 81 17.33 13.35 -11.70
N THR A 82 18.54 13.63 -11.21
CA THR A 82 19.57 14.30 -12.00
C THR A 82 20.69 13.40 -12.48
N THR A 83 20.89 12.22 -11.90
CA THR A 83 22.00 11.37 -12.34
C THR A 83 21.70 10.62 -13.64
N LYS A 84 20.46 10.65 -14.11
CA LYS A 84 20.11 10.16 -15.43
C LYS A 84 18.83 10.87 -15.79
N ARG A 85 18.79 11.46 -16.98
CA ARG A 85 17.64 12.25 -17.39
C ARG A 85 16.36 11.42 -17.36
N VAL A 86 15.33 12.00 -16.78
CA VAL A 86 13.99 11.41 -16.76
C VAL A 86 13.17 12.02 -17.89
N PHE A 87 12.30 11.19 -18.46
CA PHE A 87 11.47 11.57 -19.62
C PHE A 87 10.29 12.38 -19.12
N TRP A 88 10.58 13.64 -18.78
CA TRP A 88 9.59 14.55 -18.20
C TRP A 88 8.39 14.75 -19.10
N ARG A 89 8.60 14.95 -20.41
CA ARG A 89 7.46 15.12 -21.30
C ARG A 89 6.52 13.90 -21.19
N GLY A 90 7.09 12.71 -21.11
CA GLY A 90 6.29 11.51 -20.95
C GLY A 90 5.55 11.45 -19.61
N VAL A 91 6.21 11.90 -18.54
CA VAL A 91 5.55 11.97 -17.24
C VAL A 91 4.30 12.82 -17.33
N VAL A 92 4.45 14.03 -17.86
CA VAL A 92 3.33 14.96 -17.92
C VAL A 92 2.21 14.41 -18.79
N GLU A 93 2.54 14.00 -20.02
CA GLU A 93 1.50 13.54 -20.92
C GLU A 93 0.81 12.29 -20.39
N GLU A 94 1.58 11.35 -19.84
CA GLU A 94 0.96 10.14 -19.30
C GLU A 94 0.01 10.48 -18.16
N LEU A 95 0.41 11.38 -17.28
CA LEU A 95 -0.45 11.70 -16.14
C LEU A 95 -1.74 12.39 -16.59
N LEU A 96 -1.65 13.33 -17.52
CA LEU A 96 -2.86 13.96 -18.02
C LEU A 96 -3.78 12.94 -18.66
N TRP A 97 -3.19 11.96 -19.35
CA TRP A 97 -3.95 10.87 -19.96
C TRP A 97 -4.62 9.98 -18.91
N PHE A 98 -3.88 9.60 -17.85
CA PHE A 98 -4.50 8.89 -16.72
C PHE A 98 -5.69 9.67 -16.17
N ILE A 99 -5.47 10.95 -15.88
CA ILE A 99 -6.52 11.75 -15.24
C ILE A 99 -7.78 11.75 -16.09
N SER A 100 -7.61 11.81 -17.41
CA SER A 100 -8.77 11.82 -18.30
C SER A 100 -9.57 10.54 -18.24
N GLY A 101 -9.02 9.50 -17.66
CA GLY A 101 -9.70 8.22 -17.56
C GLY A 101 -9.40 7.26 -18.70
N SER A 102 -8.57 7.68 -19.66
CA SER A 102 -8.33 6.89 -20.85
C SER A 102 -7.53 5.65 -20.52
N THR A 103 -7.83 4.59 -21.28
CA THR A 103 -7.04 3.37 -21.31
C THR A 103 -6.61 3.05 -22.74
N ASN A 104 -6.66 4.06 -23.61
CA ASN A 104 -6.34 3.90 -25.03
C ASN A 104 -4.92 4.40 -25.24
N ALA A 105 -4.00 3.45 -25.38
CA ALA A 105 -2.60 3.82 -25.58
C ALA A 105 -2.38 4.53 -26.90
N LYS A 106 -3.28 4.34 -27.88
CA LYS A 106 -3.15 5.11 -29.12
C LYS A 106 -3.31 6.61 -28.88
N GLN A 107 -4.16 6.99 -27.93
CA GLN A 107 -4.32 8.41 -27.64
C GLN A 107 -3.02 8.99 -27.13
N LEU A 108 -2.28 8.22 -26.33
CA LEU A 108 -1.00 8.67 -25.82
C LEU A 108 0.07 8.65 -26.92
N SER A 109 0.08 7.57 -27.71
CA SER A 109 1.07 7.42 -28.79
C SER A 109 0.90 8.51 -29.85
N GLU A 110 -0.34 8.92 -30.11
CA GLU A 110 -0.58 9.97 -31.10
C GLU A 110 -0.07 11.31 -30.60
N LYS A 111 0.10 11.48 -29.28
CA LYS A 111 0.78 12.64 -28.69
C LYS A 111 2.27 12.43 -28.56
N ASN A 112 2.80 11.42 -29.23
CA ASN A 112 4.24 11.19 -29.34
C ASN A 112 4.86 10.73 -28.03
N VAL A 113 4.09 9.98 -27.25
CA VAL A 113 4.60 9.32 -26.05
C VAL A 113 4.30 7.83 -26.22
N ASN A 114 5.34 7.03 -26.46
CA ASN A 114 5.16 5.66 -26.94
C ASN A 114 5.31 4.61 -25.83
N ILE A 115 5.32 5.04 -24.57
CA ILE A 115 5.74 4.18 -23.47
C ILE A 115 4.80 3.01 -23.23
N TRP A 116 3.53 3.09 -23.68
CA TRP A 116 2.57 2.01 -23.50
C TRP A 116 2.33 1.21 -24.78
N ASP A 117 3.09 1.50 -25.84
CA ASP A 117 2.83 0.83 -27.12
C ASP A 117 3.21 -0.65 -27.07
N GLY A 118 4.28 -1.00 -26.36
CA GLY A 118 4.70 -2.40 -26.30
C GLY A 118 3.74 -3.28 -25.54
N ASN A 119 3.05 -2.74 -24.54
CA ASN A 119 2.08 -3.52 -23.79
C ASN A 119 0.69 -3.47 -24.38
N SER A 120 0.50 -2.85 -25.54
CA SER A 120 -0.81 -2.79 -26.17
C SER A 120 -0.76 -3.15 -27.64
N SER A 121 0.34 -3.73 -28.09
CA SER A 121 0.46 -4.20 -29.46
C SER A 121 -0.41 -5.42 -29.68
N ARG A 122 -0.71 -5.70 -30.95
CA ARG A 122 -1.45 -6.91 -31.29
C ARG A 122 -0.78 -8.13 -30.70
N GLU A 123 0.55 -8.21 -30.81
CA GLU A 123 1.27 -9.38 -30.33
C GLU A 123 1.19 -9.52 -28.82
N PHE A 124 1.33 -8.41 -28.09
CA PHE A 124 1.27 -8.51 -26.64
C PHE A 124 -0.13 -8.84 -26.18
N LEU A 125 -1.14 -8.18 -26.74
CA LEU A 125 -2.51 -8.47 -26.36
C LEU A 125 -2.86 -9.94 -26.62
N ASP A 126 -2.48 -10.46 -27.78
CA ASP A 126 -2.74 -11.86 -28.08
C ASP A 126 -2.06 -12.77 -27.07
N SER A 127 -0.85 -12.41 -26.63
CA SER A 127 -0.13 -13.22 -25.66
C SER A 127 -0.82 -13.24 -24.31
N ARG A 128 -1.66 -12.25 -24.03
CA ARG A 128 -2.47 -12.20 -22.81
C ARG A 128 -3.85 -12.79 -23.00
N GLY A 129 -4.14 -13.31 -24.19
CA GLY A 129 -5.44 -13.86 -24.52
C GLY A 129 -6.49 -12.83 -24.83
N LEU A 130 -6.09 -11.59 -25.07
CA LEU A 130 -7.03 -10.51 -25.30
C LEU A 130 -7.25 -10.32 -26.80
N TYR A 131 -7.72 -11.39 -27.44
CA TYR A 131 -7.77 -11.46 -28.90
C TYR A 131 -8.76 -10.48 -29.52
N ASN A 132 -9.78 -10.05 -28.78
CA ASN A 132 -10.78 -9.14 -29.32
C ASN A 132 -10.48 -7.68 -29.03
N TYR A 133 -9.45 -7.39 -28.25
CA TYR A 133 -9.07 -6.00 -28.02
C TYR A 133 -8.40 -5.43 -29.25
N GLU A 134 -8.81 -4.24 -29.62
CA GLU A 134 -8.10 -3.44 -30.60
C GLU A 134 -6.71 -3.08 -30.08
N GLU A 135 -5.78 -2.94 -31.01
CA GLU A 135 -4.45 -2.48 -30.64
C GLU A 135 -4.59 -1.15 -29.92
N GLY A 136 -3.82 -0.99 -28.84
CA GLY A 136 -3.91 0.18 -27.98
C GLY A 136 -4.75 -0.03 -26.74
N ASP A 137 -5.59 -1.06 -26.71
CA ASP A 137 -6.51 -1.25 -25.57
C ASP A 137 -5.77 -1.94 -24.44
N LEU A 138 -5.46 -1.17 -23.39
CA LEU A 138 -4.79 -1.70 -22.21
C LEU A 138 -5.74 -2.41 -21.25
N GLY A 139 -7.04 -2.34 -21.49
CA GLY A 139 -8.00 -2.81 -20.53
C GLY A 139 -8.14 -1.83 -19.38
N PRO A 140 -8.83 -2.23 -18.32
CA PRO A 140 -9.19 -1.31 -17.23
C PRO A 140 -8.03 -1.07 -16.28
N VAL A 141 -7.03 -0.33 -16.78
CA VAL A 141 -5.87 0.01 -15.98
C VAL A 141 -6.08 1.39 -15.36
N TYR A 142 -5.00 2.10 -15.03
CA TYR A 142 -5.01 3.25 -14.13
C TYR A 142 -6.17 4.21 -14.37
N GLY A 143 -6.26 4.80 -15.56
CA GLY A 143 -7.25 5.85 -15.78
C GLY A 143 -8.65 5.37 -15.48
N PHE A 144 -8.96 4.16 -15.88
CA PHE A 144 -10.29 3.61 -15.67
C PHE A 144 -10.55 3.39 -14.19
N GLN A 145 -9.58 2.83 -13.46
CA GLN A 145 -9.77 2.58 -12.04
C GLN A 145 -9.90 3.89 -11.27
N TRP A 146 -9.12 4.91 -11.64
CA TRP A 146 -9.16 6.18 -10.93
C TRP A 146 -10.52 6.87 -11.07
N ARG A 147 -11.11 6.82 -12.26
CA ARG A 147 -12.29 7.59 -12.58
C ARG A 147 -13.58 6.79 -12.64
N HIS A 148 -13.51 5.46 -12.73
CA HIS A 148 -14.67 4.62 -13.02
C HIS A 148 -14.61 3.29 -12.27
N PHE A 149 -14.06 3.27 -11.07
CA PHE A 149 -13.90 2.01 -10.34
C PHE A 149 -15.23 1.27 -10.22
N GLY A 150 -15.20 -0.02 -10.53
CA GLY A 150 -16.36 -0.86 -10.35
C GLY A 150 -17.26 -0.96 -11.55
N CYS A 151 -17.07 -0.08 -12.53
CA CYS A 151 -17.87 -0.13 -13.76
C CYS A 151 -17.41 -1.32 -14.60
N PRO A 152 -18.31 -2.09 -15.19
CA PRO A 152 -17.88 -3.13 -16.13
C PRO A 152 -17.14 -2.50 -17.31
N TYR A 153 -16.00 -3.08 -17.66
CA TYR A 153 -15.22 -2.60 -18.79
C TYR A 153 -15.62 -3.36 -20.04
N SER A 154 -15.79 -2.64 -21.14
CA SER A 154 -16.03 -3.26 -22.44
C SER A 154 -14.82 -3.06 -23.34
N SER A 155 -14.55 -1.82 -23.76
CA SER A 155 -13.37 -1.52 -24.56
C SER A 155 -12.91 -0.11 -24.26
N MET A 156 -11.76 0.24 -24.82
CA MET A 156 -11.18 1.55 -24.56
C MET A 156 -11.96 2.68 -25.22
N THR A 157 -12.82 2.38 -26.19
CA THR A 157 -13.55 3.39 -26.93
C THR A 157 -14.93 3.67 -26.37
N ALA A 158 -15.35 2.92 -25.35
CA ALA A 158 -16.70 3.04 -24.82
C ALA A 158 -16.87 4.26 -23.93
N ASP A 159 -18.10 4.74 -23.88
CA ASP A 159 -18.50 5.81 -22.97
C ASP A 159 -18.59 5.29 -21.55
N TYR A 160 -17.83 5.91 -20.64
CA TYR A 160 -17.95 5.62 -19.22
C TYR A 160 -18.36 6.83 -18.41
N LYS A 161 -18.76 7.93 -19.06
CA LYS A 161 -19.07 9.13 -18.31
C LYS A 161 -20.26 8.89 -17.39
N GLY A 162 -20.08 9.20 -16.11
CA GLY A 162 -21.11 9.00 -15.11
C GLY A 162 -21.18 7.60 -14.56
N LYS A 163 -20.24 6.73 -14.93
CA LYS A 163 -20.27 5.33 -14.55
C LYS A 163 -19.10 5.02 -13.63
N GLY A 164 -19.37 4.18 -12.64
CA GLY A 164 -18.35 3.77 -11.70
C GLY A 164 -18.07 4.86 -10.68
N TYR A 165 -17.16 4.52 -9.78
CA TYR A 165 -16.81 5.38 -8.66
C TYR A 165 -15.62 6.25 -9.05
N ASP A 166 -15.82 7.57 -9.05
CA ASP A 166 -14.76 8.51 -9.44
C ASP A 166 -13.91 8.79 -8.21
N GLN A 167 -12.92 7.93 -8.00
CA GLN A 167 -12.08 8.04 -6.82
C GLN A 167 -11.27 9.32 -6.82
N LEU A 168 -10.78 9.76 -7.98
CA LEU A 168 -9.95 10.96 -8.04
C LEU A 168 -10.75 12.17 -7.57
N GLN A 169 -11.96 12.34 -8.10
CA GLN A 169 -12.76 13.46 -7.65
C GLN A 169 -13.17 13.31 -6.19
N GLN A 170 -13.47 12.09 -5.74
CA GLN A 170 -13.81 11.89 -4.33
C GLN A 170 -12.64 12.25 -3.41
N CYS A 171 -11.42 11.92 -3.82
CA CYS A 171 -10.27 12.29 -2.99
C CYS A 171 -10.14 13.80 -2.91
N ILE A 172 -10.28 14.49 -4.04
CA ILE A 172 -10.22 15.95 -4.05
C ILE A 172 -11.29 16.53 -3.14
N LYS A 173 -12.51 16.00 -3.25
CA LYS A 173 -13.59 16.41 -2.37
C LYS A 173 -13.24 16.21 -0.90
N MET A 174 -12.70 15.05 -0.55
CA MET A 174 -12.39 14.80 0.85
C MET A 174 -11.27 15.68 1.36
N ILE A 175 -10.26 15.95 0.53
CA ILE A 175 -9.20 16.87 0.93
C ILE A 175 -9.79 18.20 1.34
N ARG A 176 -10.78 18.67 0.58
CA ARG A 176 -11.40 19.97 0.80
CA ARG A 176 -11.35 19.97 0.84
C ARG A 176 -12.38 19.95 1.97
N GLU A 177 -13.15 18.89 2.09
CA GLU A 177 -14.27 18.84 3.03
C GLU A 177 -13.96 18.15 4.34
N GLU A 178 -13.01 17.23 4.33
CA GLU A 178 -12.65 16.46 5.53
C GLU A 178 -11.15 16.21 5.52
N PRO A 179 -10.37 17.29 5.61
CA PRO A 179 -8.91 17.14 5.51
C PRO A 179 -8.34 16.26 6.60
N GLU A 180 -9.05 16.09 7.71
CA GLU A 180 -8.60 15.23 8.81
C GLU A 180 -8.72 13.76 8.45
N SER A 181 -9.42 13.44 7.38
CA SER A 181 -9.77 12.05 7.10
C SER A 181 -8.54 11.18 6.94
N ARG A 182 -8.64 9.96 7.47
CA ARG A 182 -7.64 8.92 7.30
C ARG A 182 -8.05 7.91 6.23
N ARG A 183 -9.01 8.30 5.37
CA ARG A 183 -9.64 7.44 4.36
C ARG A 183 -9.50 8.04 2.96
N ILE A 184 -8.55 8.95 2.72
CA ILE A 184 -8.46 9.63 1.42
C ILE A 184 -7.61 8.75 0.51
N ILE A 185 -8.26 7.79 -0.15
CA ILE A 185 -7.61 6.66 -0.82
CA ILE A 185 -7.56 6.72 -0.84
C ILE A 185 -8.03 6.61 -2.28
N MET A 186 -7.10 6.28 -3.16
CA MET A 186 -7.43 5.91 -4.52
C MET A 186 -6.71 4.59 -4.79
N THR A 187 -7.48 3.55 -5.16
CA THR A 187 -6.94 2.23 -5.47
C THR A 187 -6.98 1.97 -6.97
N ALA A 188 -5.96 1.30 -7.48
CA ALA A 188 -5.96 0.83 -8.85
C ALA A 188 -6.10 -0.68 -8.94
N TRP A 189 -6.42 -1.34 -7.83
CA TRP A 189 -6.40 -2.81 -7.76
C TRP A 189 -7.81 -3.34 -7.61
N ASN A 190 -8.30 -4.00 -8.65
CA ASN A 190 -9.58 -4.69 -8.60
C ASN A 190 -9.35 -6.09 -9.12
N PRO A 191 -9.31 -7.11 -8.24
CA PRO A 191 -9.01 -8.46 -8.73
C PRO A 191 -9.98 -8.95 -9.80
N CYS A 192 -11.21 -8.45 -9.79
CA CYS A 192 -12.19 -8.84 -10.79
C CYS A 192 -11.81 -8.38 -12.19
N ASP A 193 -10.93 -7.38 -12.30
CA ASP A 193 -10.50 -6.84 -13.60
C ASP A 193 -9.17 -7.41 -14.08
N LEU A 194 -8.52 -8.26 -13.30
CA LEU A 194 -7.17 -8.71 -13.67
C LEU A 194 -7.16 -9.46 -14.99
N GLU A 195 -8.22 -10.22 -15.30
CA GLU A 195 -8.23 -10.97 -16.55
C GLU A 195 -8.45 -10.07 -17.76
N LYS A 196 -8.83 -8.82 -17.55
CA LYS A 196 -9.15 -7.89 -18.63
C LYS A 196 -8.02 -6.92 -18.96
N VAL A 197 -6.96 -6.90 -18.17
CA VAL A 197 -5.91 -5.91 -18.35
C VAL A 197 -4.72 -6.49 -19.09
N ALA A 198 -4.07 -5.64 -19.87
CA ALA A 198 -2.82 -6.04 -20.52
C ALA A 198 -1.73 -6.27 -19.49
N LEU A 199 -1.63 -5.38 -18.49
CA LEU A 199 -0.61 -5.44 -17.45
C LEU A 199 -1.32 -5.00 -16.17
N PRO A 200 -1.23 -5.73 -15.08
CA PRO A 200 -1.83 -5.25 -13.83
C PRO A 200 -1.10 -4.02 -13.34
N PRO A 201 -1.83 -3.02 -12.82
CA PRO A 201 -1.15 -1.81 -12.31
C PRO A 201 -0.03 -2.12 -11.36
N CYS A 202 1.11 -1.43 -11.53
CA CYS A 202 2.28 -1.50 -10.67
C CYS A 202 2.16 -0.52 -9.51
N HIS A 203 1.75 0.70 -9.78
CA HIS A 203 1.51 1.72 -8.77
C HIS A 203 0.04 1.58 -8.37
N CYS A 204 -0.23 0.87 -7.28
CA CYS A 204 -1.49 0.18 -6.95
CA CYS A 204 -1.59 0.38 -7.15
C CYS A 204 -2.42 0.92 -6.01
N PHE A 205 -1.86 1.74 -5.12
CA PHE A 205 -2.61 2.23 -3.96
C PHE A 205 -2.04 3.61 -3.64
N VAL A 206 -2.92 4.57 -3.37
CA VAL A 206 -2.50 5.94 -3.10
C VAL A 206 -3.32 6.47 -1.94
N GLN A 207 -2.66 7.20 -1.04
CA GLN A 207 -3.35 7.85 0.06
C GLN A 207 -2.87 9.28 0.16
N PHE A 208 -3.80 10.19 0.45
CA PHE A 208 -3.48 11.59 0.68
C PHE A 208 -3.65 11.92 2.16
N TYR A 209 -2.99 13.01 2.58
CA TYR A 209 -2.95 13.42 3.98
C TYR A 209 -2.78 14.94 4.01
N VAL A 210 -3.47 15.58 4.93
CA VAL A 210 -3.42 17.03 5.07
C VAL A 210 -2.99 17.36 6.50
N ALA A 211 -2.00 18.24 6.64
CA ALA A 211 -1.60 18.75 7.94
C ALA A 211 -0.93 20.09 7.76
N ASP A 212 -1.26 21.02 8.67
CA ASP A 212 -0.59 22.32 8.71
C ASP A 212 -0.64 23.01 7.34
N GLY A 213 -1.76 22.88 6.64
CA GLY A 213 -1.93 23.53 5.35
C GLY A 213 -1.17 22.92 4.21
N GLU A 214 -0.64 21.71 4.39
CA GLU A 214 0.17 21.03 3.38
C GLU A 214 -0.45 19.69 3.01
N LEU A 215 -0.43 19.39 1.71
CA LEU A 215 -0.89 18.12 1.18
C LEU A 215 0.28 17.18 0.95
N SER A 216 0.17 15.96 1.48
CA SER A 216 1.13 14.90 1.22
C SER A 216 0.43 13.72 0.58
N CYS A 217 1.23 12.86 -0.05
CA CYS A 217 0.74 11.71 -0.78
C CYS A 217 1.67 10.54 -0.53
N GLN A 218 1.11 9.35 -0.28
CA GLN A 218 1.90 8.12 -0.26
C GLN A 218 1.37 7.21 -1.35
N MET A 219 2.28 6.63 -2.12
CA MET A 219 1.91 5.66 -3.14
C MET A 219 2.63 4.35 -2.85
N TYR A 220 1.86 3.25 -2.98
CA TYR A 220 2.37 1.90 -2.82
C TYR A 220 2.53 1.26 -4.20
N GLN A 221 3.73 0.78 -4.47
CA GLN A 221 4.08 0.19 -5.76
C GLN A 221 4.45 -1.27 -5.54
N ARG A 222 3.67 -2.19 -6.11
CA ARG A 222 3.91 -3.60 -5.86
C ARG A 222 5.21 -4.11 -6.49
N SER A 223 5.66 -3.44 -7.55
CA SER A 223 6.75 -3.90 -8.37
C SER A 223 7.39 -2.67 -9.00
N ALA A 224 8.69 -2.52 -8.80
CA ALA A 224 9.38 -1.30 -9.22
C ALA A 224 10.71 -1.69 -9.84
N ASP A 225 10.90 -1.27 -11.08
CA ASP A 225 12.19 -1.35 -11.74
C ASP A 225 12.94 -0.12 -11.30
N MET A 226 13.92 -0.30 -10.43
CA MET A 226 14.62 0.81 -9.83
C MET A 226 15.35 1.64 -10.84
N GLY A 227 15.81 1.03 -11.93
CA GLY A 227 16.61 1.76 -12.90
C GLY A 227 15.80 2.64 -13.83
N LEU A 228 14.74 2.09 -14.40
CA LEU A 228 13.99 2.79 -15.44
C LEU A 228 12.65 3.31 -14.97
N GLY A 229 11.95 2.55 -14.14
CA GLY A 229 10.62 2.92 -13.74
C GLY A 229 10.59 3.92 -12.60
N VAL A 230 11.32 3.64 -11.53
CA VAL A 230 11.18 4.40 -10.30
C VAL A 230 11.36 5.90 -10.50
N PRO A 231 12.39 6.38 -11.21
CA PRO A 231 12.52 7.84 -11.36
C PRO A 231 11.29 8.46 -12.01
N PHE A 232 10.76 7.79 -13.02
CA PHE A 232 9.57 8.26 -13.72
C PHE A 232 8.38 8.27 -12.78
N ASN A 233 8.22 7.19 -12.01
CA ASN A 233 7.09 7.06 -11.10
C ASN A 233 7.12 8.10 -9.97
N ILE A 234 8.31 8.40 -9.43
CA ILE A 234 8.43 9.45 -8.42
C ILE A 234 7.92 10.76 -8.98
N ALA A 235 8.34 11.06 -10.23
CA ALA A 235 7.92 12.30 -10.86
C ALA A 235 6.42 12.34 -11.09
N SER A 236 5.84 11.22 -11.54
CA SER A 236 4.40 11.17 -11.80
CA SER A 236 4.41 11.18 -11.80
C SER A 236 3.60 11.53 -10.55
N TYR A 237 3.89 10.88 -9.42
CA TYR A 237 3.10 11.09 -8.22
C TYR A 237 3.42 12.40 -7.53
N SER A 238 4.66 12.88 -7.65
CA SER A 238 4.96 14.22 -7.15
C SER A 238 4.20 15.26 -7.96
N LEU A 239 4.10 15.07 -9.27
CA LEU A 239 3.33 15.99 -10.09
C LEU A 239 1.85 15.94 -9.74
N LEU A 240 1.30 14.74 -9.56
CA LEU A 240 -0.10 14.63 -9.15
C LEU A 240 -0.34 15.35 -7.84
N THR A 241 0.58 15.20 -6.89
CA THR A 241 0.42 15.88 -5.60
C THR A 241 0.41 17.38 -5.79
N ARG A 242 1.31 17.90 -6.63
CA ARG A 242 1.32 19.35 -6.89
C ARG A 242 0.03 19.80 -7.56
N MET A 243 -0.50 19.02 -8.50
CA MET A 243 -1.74 19.39 -9.17
C MET A 243 -2.90 19.45 -8.19
N ILE A 244 -3.03 18.41 -7.36
CA ILE A 244 -4.12 18.38 -6.38
C ILE A 244 -3.95 19.48 -5.34
N ALA A 245 -2.73 19.72 -4.88
CA ALA A 245 -2.54 20.80 -3.92
C ALA A 245 -2.99 22.13 -4.51
N HIS A 246 -2.68 22.36 -5.78
CA HIS A 246 -3.10 23.59 -6.44
C HIS A 246 -4.61 23.74 -6.43
N ILE A 247 -5.34 22.71 -6.85
CA ILE A 247 -6.79 22.89 -6.95
C ILE A 247 -7.50 22.75 -5.62
N THR A 248 -6.79 22.38 -4.55
CA THR A 248 -7.38 22.36 -3.21
C THR A 248 -6.87 23.50 -2.34
N SER A 249 -6.13 24.43 -2.90
CA SER A 249 -5.64 25.59 -2.16
C SER A 249 -4.74 25.20 -0.99
N LEU A 250 -3.95 24.15 -1.17
CA LEU A 250 -2.98 23.73 -0.18
C LEU A 250 -1.55 23.89 -0.70
N LYS A 251 -0.62 23.99 0.24
CA LYS A 251 0.79 23.97 -0.12
C LYS A 251 1.26 22.52 -0.24
N PRO A 252 2.33 22.27 -1.01
CA PRO A 252 2.84 20.91 -1.12
C PRO A 252 3.64 20.51 0.10
N GLY A 253 3.45 19.26 0.52
CA GLY A 253 4.15 18.69 1.64
C GLY A 253 5.20 17.69 1.19
N PHE A 254 4.87 16.40 1.26
CA PHE A 254 5.80 15.32 0.95
C PHE A 254 5.14 14.31 0.04
N PHE A 255 5.98 13.66 -0.76
CA PHE A 255 5.61 12.44 -1.48
C PHE A 255 6.37 11.28 -0.84
N ILE A 256 5.65 10.25 -0.41
CA ILE A 256 6.22 9.06 0.22
C ILE A 256 6.02 7.90 -0.74
N HIS A 257 7.11 7.26 -1.14
CA HIS A 257 7.10 6.18 -2.10
C HIS A 257 7.41 4.87 -1.38
N THR A 258 6.44 3.96 -1.34
CA THR A 258 6.61 2.66 -0.72
C THR A 258 6.60 1.60 -1.80
N ILE A 259 7.55 0.67 -1.71
CA ILE A 259 7.68 -0.39 -2.72
C ILE A 259 7.60 -1.76 -2.08
N GLY A 260 6.94 -2.67 -2.79
CA GLY A 260 7.02 -4.11 -2.55
C GLY A 260 8.30 -4.66 -3.13
N ASP A 261 8.23 -5.28 -4.32
CA ASP A 261 9.41 -5.85 -4.97
C ASP A 261 10.16 -4.75 -5.71
N ALA A 262 11.25 -4.28 -5.13
CA ALA A 262 12.15 -3.30 -5.73
C ALA A 262 13.30 -4.05 -6.34
N HIS A 263 13.51 -3.87 -7.65
CA HIS A 263 14.44 -4.73 -8.35
C HIS A 263 15.21 -3.99 -9.44
N VAL A 264 16.30 -4.61 -9.82
CA VAL A 264 17.05 -4.19 -11.00
CA VAL A 264 17.17 -4.21 -10.93
C VAL A 264 17.29 -5.42 -11.85
N TYR A 265 17.25 -5.22 -13.16
CA TYR A 265 17.51 -6.32 -14.08
C TYR A 265 19.01 -6.58 -14.18
N LEU A 266 19.40 -7.86 -14.19
CA LEU A 266 20.81 -8.22 -14.26
C LEU A 266 21.52 -7.57 -15.45
N THR A 267 20.85 -7.48 -16.60
CA THR A 267 21.46 -6.89 -17.78
C THR A 267 21.73 -5.40 -17.62
N HIS A 268 21.13 -4.75 -16.63
CA HIS A 268 21.29 -3.31 -16.43
C HIS A 268 22.31 -2.97 -15.36
N VAL A 269 22.88 -3.97 -14.69
CA VAL A 269 23.74 -3.72 -13.55
C VAL A 269 24.91 -2.81 -13.92
N ASP A 270 25.58 -3.07 -15.05
CA ASP A 270 26.74 -2.26 -15.40
C ASP A 270 26.37 -0.79 -15.64
N ALA A 271 25.27 -0.54 -16.34
CA ALA A 271 24.84 0.84 -16.55
C ALA A 271 24.52 1.52 -15.22
N LEU A 272 23.90 0.79 -14.29
CA LEU A 272 23.55 1.38 -13.02
C LEU A 272 24.79 1.64 -12.17
N LYS A 273 25.80 0.78 -12.31
CA LYS A 273 27.06 1.05 -11.62
C LYS A 273 27.70 2.35 -12.10
N VAL A 274 27.63 2.63 -13.41
CA VAL A 274 28.11 3.92 -13.91
C VAL A 274 27.31 5.05 -13.27
N GLN A 275 25.98 4.91 -13.25
CA GLN A 275 25.13 5.98 -12.75
C GLN A 275 25.42 6.27 -11.29
N MET A 276 25.65 5.22 -10.50
CA MET A 276 25.91 5.38 -9.08
CA MET A 276 25.90 5.40 -9.08
C MET A 276 27.19 6.16 -8.80
N GLU A 277 28.09 6.26 -9.78
CA GLU A 277 29.31 7.05 -9.60
C GLU A 277 29.10 8.53 -9.86
N ARG A 278 27.95 8.92 -10.42
CA ARG A 278 27.69 10.31 -10.73
C ARG A 278 27.27 11.05 -9.47
N LYS A 279 27.57 12.35 -9.44
CA LYS A 279 27.22 13.19 -8.31
C LYS A 279 25.88 13.84 -8.56
N PRO A 280 24.85 13.57 -7.73
CA PRO A 280 23.55 14.25 -7.93
C PRO A 280 23.68 15.75 -7.80
N ARG A 281 22.91 16.43 -8.61
CA ARG A 281 22.79 17.88 -8.62
C ARG A 281 21.54 18.28 -7.87
N PRO A 282 21.38 19.57 -7.54
CA PRO A 282 20.15 20.02 -6.90
C PRO A 282 18.95 19.67 -7.78
N PHE A 283 17.83 19.32 -7.15
CA PHE A 283 16.61 19.12 -7.90
C PHE A 283 16.12 20.44 -8.49
N PRO A 284 15.38 20.38 -9.59
CA PRO A 284 14.72 21.56 -10.14
C PRO A 284 13.56 21.99 -9.26
N LYS A 285 13.01 23.17 -9.57
CA LYS A 285 11.73 23.57 -9.05
C LYS A 285 10.65 23.38 -10.11
N LEU A 286 9.42 23.18 -9.67
CA LEU A 286 8.27 23.09 -10.56
C LEU A 286 7.29 24.19 -10.20
N LYS A 287 6.91 24.99 -11.20
CA LYS A 287 5.92 26.04 -11.05
C LYS A 287 4.70 25.72 -11.90
N ILE A 288 3.53 26.04 -11.35
CA ILE A 288 2.27 26.00 -12.08
C ILE A 288 1.95 27.43 -12.49
N LEU A 289 1.73 27.65 -13.77
CA LEU A 289 1.78 28.99 -14.36
C LEU A 289 0.42 29.65 -14.52
N ARG A 290 -0.67 29.01 -14.08
CA ARG A 290 -2.04 29.46 -14.27
C ARG A 290 -2.85 29.06 -13.05
N ASN A 291 -3.93 29.79 -12.79
CA ASN A 291 -4.95 29.35 -11.85
C ASN A 291 -5.85 28.36 -12.57
N VAL A 292 -5.59 27.09 -12.37
CA VAL A 292 -6.27 26.06 -13.13
C VAL A 292 -7.63 25.76 -12.48
N GLU A 293 -8.63 25.49 -13.32
CA GLU A 293 -10.02 25.48 -12.86
C GLU A 293 -10.34 24.26 -11.99
N ASN A 294 -9.86 23.07 -12.38
CA ASN A 294 -10.23 21.78 -11.77
C ASN A 294 -9.23 20.74 -12.26
N ILE A 295 -9.31 19.52 -11.73
CA ILE A 295 -8.27 18.52 -12.03
C ILE A 295 -8.27 18.12 -13.48
N ASP A 296 -9.37 18.29 -14.19
CA ASP A 296 -9.49 17.94 -15.60
C ASP A 296 -9.08 19.07 -16.54
N ASP A 297 -8.66 20.22 -16.01
CA ASP A 297 -8.36 21.41 -16.79
C ASP A 297 -6.87 21.63 -17.02
N PHE A 298 -5.99 20.79 -16.49
CA PHE A 298 -4.56 21.02 -16.67
C PHE A 298 -4.13 20.76 -18.10
N ARG A 299 -3.09 21.49 -18.51
CA ARG A 299 -2.46 21.36 -19.81
C ARG A 299 -0.96 21.31 -19.61
N ALA A 300 -0.28 20.64 -20.55
CA ALA A 300 1.17 20.53 -20.44
C ALA A 300 1.83 21.88 -20.27
N GLU A 301 1.32 22.92 -20.93
CA GLU A 301 1.91 24.24 -20.90
C GLU A 301 1.76 24.93 -19.54
N ASP A 302 1.00 24.35 -18.62
CA ASP A 302 0.85 24.93 -17.30
C ASP A 302 2.05 24.70 -16.40
N PHE A 303 2.97 23.83 -16.77
CA PHE A 303 4.06 23.41 -15.89
C PHE A 303 5.39 23.92 -16.39
N GLU A 304 6.13 24.59 -15.50
CA GLU A 304 7.47 25.08 -15.81
C GLU A 304 8.46 24.42 -14.87
N LEU A 305 9.45 23.76 -15.43
CA LEU A 305 10.54 23.18 -14.67
C LEU A 305 11.71 24.16 -14.69
N ILE A 306 12.19 24.56 -13.52
CA ILE A 306 13.26 25.54 -13.40
C ILE A 306 14.52 24.81 -12.99
N ASN A 307 15.56 24.93 -13.83
CA ASN A 307 16.91 24.50 -13.49
C ASN A 307 17.01 22.98 -13.36
N TYR A 308 16.43 22.24 -14.31
CA TYR A 308 16.64 20.81 -14.38
C TYR A 308 17.88 20.57 -15.22
N LYS A 309 18.92 20.01 -14.61
CA LYS A 309 20.22 19.85 -15.25
C LYS A 309 20.73 18.43 -15.04
N PRO A 310 20.11 17.45 -15.69
CA PRO A 310 20.55 16.07 -15.51
C PRO A 310 21.78 15.74 -16.34
N TYR A 311 22.43 14.66 -15.95
CA TYR A 311 23.37 13.98 -16.82
C TYR A 311 22.60 13.25 -17.91
N PRO A 312 23.28 12.82 -18.97
CA PRO A 312 22.60 12.13 -20.07
C PRO A 312 22.19 10.70 -19.70
N LYS A 313 21.22 10.20 -20.46
CA LYS A 313 20.86 8.80 -20.40
C LYS A 313 22.09 7.95 -20.66
N ILE A 314 22.11 6.74 -20.09
CA ILE A 314 23.28 5.85 -20.13
C ILE A 314 22.97 4.68 -21.05
N SER A 315 23.91 4.38 -21.95
CA SER A 315 23.82 3.18 -22.78
C SER A 315 25.19 2.51 -22.79
N MET A 316 25.21 1.23 -22.43
CA MET A 316 26.45 0.48 -22.26
C MET A 316 26.53 -0.58 -23.35
N PRO A 317 27.46 -0.50 -24.31
CA PRO A 317 27.58 -1.56 -25.30
C PRO A 317 27.99 -2.87 -24.66
N MET A 318 27.51 -3.97 -25.22
CA MET A 318 27.95 -5.26 -24.74
C MET A 318 29.42 -5.45 -25.08
N ALA A 319 30.11 -6.17 -24.21
CA ALA A 319 31.52 -6.47 -24.40
C ALA A 319 31.83 -7.96 -24.34
N VAL A 320 30.90 -8.80 -23.87
CA VAL A 320 31.15 -10.22 -23.62
C VAL A 320 30.07 -11.08 -24.29
N TYR B 31 19.12 -8.78 27.71
CA TYR B 31 18.85 -8.86 26.28
C TYR B 31 17.86 -7.80 25.85
N VAL B 32 18.09 -7.21 24.68
CA VAL B 32 17.28 -6.10 24.21
C VAL B 32 16.72 -6.42 22.84
N ASN B 33 15.59 -5.81 22.53
CA ASN B 33 14.79 -6.13 21.37
C ASN B 33 14.77 -4.90 20.46
N GLN B 34 15.52 -4.96 19.37
CA GLN B 34 15.71 -3.76 18.53
C GLN B 34 14.43 -3.41 17.78
N GLU B 35 13.66 -4.39 17.34
CA GLU B 35 12.44 -4.09 16.61
C GLU B 35 11.42 -3.43 17.52
N GLU B 36 11.29 -3.90 18.76
CA GLU B 36 10.38 -3.22 19.68
C GLU B 36 10.91 -1.85 20.06
N LEU B 37 12.23 -1.69 20.22
CA LEU B 37 12.78 -0.36 20.46
C LEU B 37 12.42 0.60 19.34
N ASN B 38 12.42 0.11 18.10
CA ASN B 38 12.05 0.97 16.98
C ASN B 38 10.61 1.44 17.12
N TYR B 39 9.71 0.54 17.54
CA TYR B 39 8.32 0.93 17.78
C TYR B 39 8.24 2.00 18.86
N LEU B 40 8.96 1.81 19.97
CA LEU B 40 8.95 2.80 21.05
C LEU B 40 9.51 4.13 20.57
N ASN B 41 10.53 4.09 19.73
CA ASN B 41 11.09 5.32 19.18
C ASN B 41 10.08 6.03 18.28
N GLN B 42 9.26 5.27 17.55
CA GLN B 42 8.22 5.88 16.73
CA GLN B 42 8.22 5.88 16.73
C GLN B 42 7.15 6.54 17.59
N LEU B 43 6.78 5.90 18.70
CA LEU B 43 5.87 6.54 19.64
C LEU B 43 6.43 7.87 20.13
N LYS B 44 7.70 7.86 20.52
CA LYS B 44 8.34 9.07 21.02
C LYS B 44 8.31 10.17 19.97
N ASP B 45 8.61 9.83 18.72
CA ASP B 45 8.65 10.85 17.68
C ASP B 45 7.28 11.45 17.43
N ILE B 46 6.24 10.62 17.44
CA ILE B 46 4.89 11.12 17.25
C ILE B 46 4.47 12.00 18.42
N ILE B 47 4.75 11.56 19.64
CA ILE B 47 4.35 12.32 20.82
C ILE B 47 5.12 13.64 20.88
N ASP B 48 6.42 13.61 20.55
CA ASP B 48 7.24 14.81 20.69
C ASP B 48 7.07 15.77 19.51
N HIS B 49 6.76 15.25 18.31
CA HIS B 49 6.86 16.04 17.09
C HIS B 49 5.66 15.89 16.15
N GLY B 50 4.67 15.07 16.50
CA GLY B 50 3.54 14.86 15.60
C GLY B 50 2.64 16.07 15.49
N VAL B 51 1.82 16.06 14.44
CA VAL B 51 0.85 17.13 14.19
C VAL B 51 -0.39 16.87 14.99
N ARG B 52 -0.96 17.91 15.60
CA ARG B 52 -2.21 17.75 16.33
C ARG B 52 -3.36 17.84 15.33
N LYS B 53 -4.12 16.76 15.21
CA LYS B 53 -5.26 16.68 14.31
C LYS B 53 -6.53 16.48 15.13
N ASN B 54 -7.59 17.16 14.72
CA ASN B 54 -8.92 16.69 15.05
C ASN B 54 -9.17 15.42 14.22
N ASP B 55 -10.10 14.60 14.66
CA ASP B 55 -10.33 13.36 13.94
C ASP B 55 -11.79 12.94 14.05
N ARG B 56 -12.13 11.91 13.28
CA ARG B 56 -13.49 11.40 13.22
C ARG B 56 -14.06 11.19 14.62
N THR B 57 -13.28 10.61 15.53
CA THR B 57 -13.77 10.30 16.86
C THR B 57 -13.99 11.55 17.72
N GLY B 58 -13.38 12.68 17.34
CA GLY B 58 -13.43 13.87 18.16
C GLY B 58 -12.50 13.85 19.36
N ILE B 59 -11.68 12.81 19.52
CA ILE B 59 -10.78 12.72 20.67
C ILE B 59 -9.54 13.58 20.44
N GLY B 60 -9.06 13.67 19.19
CA GLY B 60 -7.83 14.37 18.91
C GLY B 60 -6.62 13.46 18.92
N THR B 61 -5.68 13.68 18.01
CA THR B 61 -4.51 12.82 17.87
C THR B 61 -3.26 13.65 17.66
N LEU B 62 -2.12 13.02 17.90
CA LEU B 62 -0.83 13.45 17.38
C LEU B 62 -0.48 12.45 16.29
N SER B 63 -0.03 12.94 15.14
CA SER B 63 0.01 12.13 13.94
CA SER B 63 0.09 12.05 14.01
C SER B 63 1.27 12.38 13.12
N THR B 64 1.72 11.36 12.41
CA THR B 64 2.69 11.50 11.33
C THR B 64 2.18 10.68 10.15
N PHE B 65 2.72 10.92 8.96
CA PHE B 65 2.23 10.25 7.76
C PHE B 65 3.39 9.59 7.04
N GLY B 66 3.30 8.28 6.85
CA GLY B 66 4.31 7.54 6.12
C GLY B 66 5.38 6.98 7.03
N THR B 67 5.21 5.73 7.44
CA THR B 67 6.20 5.04 8.25
C THR B 67 6.34 3.62 7.70
N GLN B 68 7.46 2.97 8.03
CA GLN B 68 7.66 1.58 7.65
C GLN B 68 8.58 0.92 8.66
N SER B 69 8.22 -0.29 9.07
CA SER B 69 9.03 -1.09 9.99
C SER B 69 9.06 -2.52 9.52
N ARG B 70 10.15 -3.22 9.81
CA ARG B 70 10.36 -4.59 9.43
C ARG B 70 10.51 -5.46 10.67
N TYR B 71 9.88 -6.63 10.64
CA TYR B 71 9.91 -7.60 11.74
C TYR B 71 10.40 -8.93 11.21
N CYS B 72 11.49 -9.43 11.76
CA CYS B 72 12.05 -10.70 11.32
C CYS B 72 11.30 -11.87 11.93
N LEU B 73 10.87 -12.80 11.09
CA LEU B 73 10.13 -13.99 11.50
C LEU B 73 10.99 -15.24 11.47
N ARG B 74 12.27 -15.10 11.19
CA ARG B 74 13.17 -16.25 11.16
C ARG B 74 13.32 -16.87 12.53
N ASP B 75 13.66 -18.16 12.54
CA ASP B 75 13.90 -18.91 13.77
C ASP B 75 12.67 -18.94 14.69
N ASP B 76 11.49 -18.83 14.08
CA ASP B 76 10.19 -18.85 14.76
C ASP B 76 9.98 -17.67 15.70
N ILE B 77 10.85 -16.66 15.64
CA ILE B 77 10.67 -15.48 16.46
C ILE B 77 9.42 -14.74 16.03
N PHE B 78 8.63 -14.31 17.01
CA PHE B 78 7.29 -13.81 16.74
C PHE B 78 7.09 -12.46 17.41
N PRO B 79 6.78 -11.40 16.65
CA PRO B 79 6.82 -10.02 17.18
C PRO B 79 5.55 -9.63 17.94
N LEU B 80 5.35 -10.28 19.08
CA LEU B 80 4.29 -9.92 20.02
C LEU B 80 4.92 -9.01 21.06
N LEU B 81 4.50 -7.75 21.09
CA LEU B 81 5.22 -6.76 21.90
C LEU B 81 5.25 -7.14 23.37
N THR B 82 6.37 -6.81 24.00
CA THR B 82 6.60 -7.18 25.40
C THR B 82 6.41 -6.03 26.37
N THR B 83 6.49 -4.78 25.93
CA THR B 83 6.40 -3.66 26.87
C THR B 83 4.98 -3.40 27.34
N LYS B 84 4.01 -4.09 26.76
CA LYS B 84 2.73 -4.26 27.41
C LYS B 84 2.19 -5.59 26.93
N ARG B 85 1.17 -6.08 27.60
CA ARG B 85 0.56 -7.33 27.18
C ARG B 85 -0.33 -7.06 25.96
N VAL B 86 -0.16 -7.87 24.93
CA VAL B 86 -1.02 -7.86 23.76
C VAL B 86 -2.03 -8.99 23.91
N PHE B 87 -3.25 -8.76 23.45
CA PHE B 87 -4.36 -9.71 23.56
C PHE B 87 -4.21 -10.84 22.52
N TRP B 88 -3.30 -11.78 22.82
CA TRP B 88 -2.94 -12.83 21.88
C TRP B 88 -4.15 -13.69 21.50
N ARG B 89 -4.93 -14.11 22.49
CA ARG B 89 -6.08 -14.96 22.17
C ARG B 89 -6.99 -14.24 21.19
N GLY B 90 -7.14 -12.92 21.33
CA GLY B 90 -7.95 -12.16 20.40
C GLY B 90 -7.34 -12.09 19.02
N VAL B 91 -6.02 -11.94 18.93
CA VAL B 91 -5.35 -11.97 17.62
C VAL B 91 -5.70 -13.26 16.89
N VAL B 92 -5.52 -14.39 17.58
CA VAL B 92 -5.72 -15.68 16.94
C VAL B 92 -7.17 -15.84 16.51
N GLU B 93 -8.10 -15.62 17.45
CA GLU B 93 -9.51 -15.82 17.12
C GLU B 93 -9.96 -14.86 16.02
N GLU B 94 -9.54 -13.59 16.07
CA GLU B 94 -9.94 -12.65 15.02
C GLU B 94 -9.43 -13.09 13.65
N LEU B 95 -8.20 -13.59 13.59
CA LEU B 95 -7.64 -13.98 12.30
C LEU B 95 -8.34 -15.22 11.76
N LEU B 96 -8.59 -16.21 12.60
CA LEU B 96 -9.34 -17.38 12.13
C LEU B 96 -10.71 -16.97 11.62
N TRP B 97 -11.33 -15.97 12.27
CA TRP B 97 -12.62 -15.43 11.86
C TRP B 97 -12.51 -14.69 10.52
N PHE B 98 -11.49 -13.82 10.34
CA PHE B 98 -11.23 -13.23 9.03
C PHE B 98 -11.13 -14.31 7.96
N ILE B 99 -10.30 -15.32 8.21
CA ILE B 99 -10.06 -16.33 7.20
C ILE B 99 -11.36 -17.01 6.79
N SER B 100 -12.24 -17.25 7.76
CA SER B 100 -13.51 -17.91 7.46
C SER B 100 -14.41 -17.08 6.55
N GLY B 101 -14.10 -15.78 6.36
CA GLY B 101 -14.91 -14.91 5.55
C GLY B 101 -16.01 -14.20 6.30
N SER B 102 -16.15 -14.46 7.59
CA SER B 102 -17.27 -13.93 8.35
C SER B 102 -17.10 -12.43 8.57
N THR B 103 -18.25 -11.76 8.62
CA THR B 103 -18.35 -10.37 9.04
C THR B 103 -19.31 -10.22 10.23
N ASN B 104 -19.60 -11.32 10.92
CA ASN B 104 -20.55 -11.36 12.03
C ASN B 104 -19.77 -11.29 13.34
N ALA B 105 -19.76 -10.11 13.95
CA ALA B 105 -19.02 -9.93 15.19
C ALA B 105 -19.54 -10.81 16.32
N LYS B 106 -20.80 -11.28 16.26
CA LYS B 106 -21.29 -12.17 17.30
C LYS B 106 -20.51 -13.47 17.35
N GLN B 107 -19.96 -13.92 16.22
CA GLN B 107 -19.17 -15.15 16.25
C GLN B 107 -17.91 -14.97 17.08
N LEU B 108 -17.31 -13.77 17.07
CA LEU B 108 -16.17 -13.49 17.94
C LEU B 108 -16.63 -13.28 19.38
N SER B 109 -17.68 -12.51 19.56
CA SER B 109 -18.14 -12.21 20.91
C SER B 109 -18.47 -13.49 21.67
N GLU B 110 -19.02 -14.48 20.97
CA GLU B 110 -19.37 -15.74 21.59
C GLU B 110 -18.13 -16.54 21.98
N LYS B 111 -16.97 -16.22 21.39
CA LYS B 111 -15.69 -16.77 21.84
C LYS B 111 -15.01 -15.86 22.86
N ASN B 112 -15.76 -14.94 23.45
CA ASN B 112 -15.24 -14.05 24.48
C ASN B 112 -14.13 -13.15 23.92
N VAL B 113 -14.30 -12.73 22.68
CA VAL B 113 -13.44 -11.74 22.04
C VAL B 113 -14.36 -10.60 21.60
N ASN B 114 -14.35 -9.48 22.32
CA ASN B 114 -15.36 -8.45 22.19
CA ASN B 114 -15.33 -8.43 22.23
C ASN B 114 -14.87 -7.24 21.40
N ILE B 115 -13.74 -7.37 20.70
CA ILE B 115 -13.06 -6.22 20.08
C ILE B 115 -13.90 -5.53 19.02
N TRP B 116 -14.85 -6.23 18.40
CA TRP B 116 -15.69 -5.64 17.36
C TRP B 116 -17.11 -5.32 17.83
N ASP B 117 -17.41 -5.50 19.12
CA ASP B 117 -18.76 -5.29 19.62
C ASP B 117 -19.16 -3.82 19.56
N GLY B 118 -18.21 -2.92 19.83
CA GLY B 118 -18.52 -1.50 19.83
C GLY B 118 -18.90 -0.96 18.47
N ASN B 119 -18.31 -1.50 17.41
CA ASN B 119 -18.58 -1.04 16.05
C ASN B 119 -19.75 -1.77 15.40
N SER B 120 -20.42 -2.66 16.13
CA SER B 120 -21.53 -3.43 15.58
C SER B 120 -22.77 -3.40 16.47
N SER B 121 -22.82 -2.49 17.43
CA SER B 121 -23.99 -2.34 18.27
C SER B 121 -25.13 -1.69 17.48
N ARG B 122 -26.34 -1.87 17.98
CA ARG B 122 -27.49 -1.19 17.38
C ARG B 122 -27.23 0.30 17.27
N GLU B 123 -26.70 0.90 18.34
CA GLU B 123 -26.45 2.33 18.36
C GLU B 123 -25.44 2.75 17.29
N PHE B 124 -24.30 2.06 17.22
CA PHE B 124 -23.30 2.44 16.24
C PHE B 124 -23.82 2.22 14.82
N LEU B 125 -24.43 1.07 14.58
CA LEU B 125 -24.94 0.80 13.23
C LEU B 125 -25.96 1.85 12.81
N ASP B 126 -26.84 2.25 13.73
CA ASP B 126 -27.82 3.27 13.38
C ASP B 126 -27.13 4.60 13.09
N SER B 127 -26.05 4.92 13.79
CA SER B 127 -25.33 6.16 13.53
C SER B 127 -24.70 6.18 12.14
N ARG B 128 -24.35 5.01 11.61
CA ARG B 128 -23.84 4.87 10.25
C ARG B 128 -24.95 4.77 9.21
N GLY B 129 -26.22 4.84 9.63
CA GLY B 129 -27.33 4.67 8.72
C GLY B 129 -27.58 3.25 8.30
N LEU B 130 -27.04 2.28 9.03
CA LEU B 130 -27.17 0.87 8.70
C LEU B 130 -28.31 0.25 9.51
N TYR B 131 -29.50 0.81 9.29
CA TYR B 131 -30.65 0.49 10.14
C TYR B 131 -31.09 -0.94 10.01
N ASN B 132 -30.93 -1.54 8.83
CA ASN B 132 -31.45 -2.86 8.60
C ASN B 132 -30.46 -3.96 8.96
N TYR B 133 -29.24 -3.60 9.36
CA TYR B 133 -28.31 -4.59 9.84
C TYR B 133 -28.71 -5.06 11.23
N GLU B 134 -28.67 -6.36 11.43
CA GLU B 134 -28.72 -6.93 12.77
C GLU B 134 -27.47 -6.54 13.55
N GLU B 135 -27.61 -6.46 14.87
CA GLU B 135 -26.45 -6.27 15.72
C GLU B 135 -25.41 -7.35 15.42
N GLY B 136 -24.16 -6.93 15.31
CA GLY B 136 -23.07 -7.79 14.93
C GLY B 136 -22.63 -7.65 13.48
N ASP B 137 -23.46 -7.05 12.63
CA ASP B 137 -23.15 -7.00 11.20
C ASP B 137 -22.20 -5.83 10.94
N LEU B 138 -20.95 -6.14 10.64
CA LEU B 138 -19.94 -5.13 10.33
C LEU B 138 -20.01 -4.66 8.88
N GLY B 139 -20.83 -5.29 8.05
CA GLY B 139 -20.79 -5.03 6.64
C GLY B 139 -19.63 -5.76 5.99
N PRO B 140 -19.36 -5.44 4.74
CA PRO B 140 -18.32 -6.17 3.95
C PRO B 140 -16.91 -5.71 4.29
N VAL B 141 -16.47 -6.08 5.49
CA VAL B 141 -15.13 -5.77 5.97
C VAL B 141 -14.18 -6.93 5.65
N TYR B 142 -13.10 -7.06 6.41
CA TYR B 142 -11.92 -7.84 6.04
C TYR B 142 -12.26 -9.22 5.49
N GLY B 143 -12.92 -10.07 6.29
CA GLY B 143 -13.12 -11.45 5.86
C GLY B 143 -13.85 -11.53 4.55
N PHE B 144 -14.86 -10.68 4.36
CA PHE B 144 -15.65 -10.70 3.14
C PHE B 144 -14.80 -10.29 1.95
N GLN B 145 -13.97 -9.25 2.10
CA GLN B 145 -13.14 -8.81 1.00
C GLN B 145 -12.09 -9.86 0.65
N TRP B 146 -11.54 -10.53 1.66
CA TRP B 146 -10.50 -11.52 1.41
C TRP B 146 -11.02 -12.71 0.62
N ARG B 147 -12.24 -13.17 0.94
CA ARG B 147 -12.77 -14.40 0.38
C ARG B 147 -13.83 -14.21 -0.70
N HIS B 148 -14.41 -13.01 -0.83
CA HIS B 148 -15.56 -12.77 -1.69
C HIS B 148 -15.51 -11.42 -2.39
N PHE B 149 -14.32 -10.91 -2.72
CA PHE B 149 -14.21 -9.58 -3.30
C PHE B 149 -15.12 -9.43 -4.52
N GLY B 150 -15.85 -8.33 -4.58
CA GLY B 150 -16.68 -8.02 -5.72
C GLY B 150 -18.08 -8.58 -5.67
N CYS B 151 -18.37 -9.48 -4.76
CA CYS B 151 -19.73 -9.97 -4.58
C CYS B 151 -20.57 -8.88 -3.93
N PRO B 152 -21.77 -8.59 -4.43
CA PRO B 152 -22.63 -7.63 -3.75
C PRO B 152 -22.96 -8.13 -2.34
N TYR B 153 -22.79 -7.27 -1.36
CA TYR B 153 -23.07 -7.62 0.02
C TYR B 153 -24.50 -7.26 0.35
N SER B 154 -25.20 -8.18 1.00
CA SER B 154 -26.54 -7.93 1.53
C SER B 154 -26.46 -7.89 3.05
N SER B 155 -26.19 -9.02 3.70
CA SER B 155 -26.06 -9.07 5.15
C SER B 155 -25.01 -10.11 5.51
N MET B 156 -24.68 -10.15 6.80
CA MET B 156 -23.66 -11.05 7.31
C MET B 156 -24.11 -12.51 7.29
N THR B 157 -25.40 -12.78 7.17
CA THR B 157 -25.92 -14.13 7.22
C THR B 157 -26.24 -14.70 5.83
N ALA B 158 -26.02 -13.94 4.76
CA ALA B 158 -26.31 -14.43 3.43
C ALA B 158 -25.30 -15.49 3.02
N ASP B 159 -25.67 -16.30 2.03
CA ASP B 159 -24.82 -17.37 1.53
C ASP B 159 -23.91 -16.80 0.44
N TYR B 160 -22.62 -16.68 0.75
CA TYR B 160 -21.64 -16.21 -0.23
C TYR B 160 -20.71 -17.32 -0.71
N LYS B 161 -21.01 -18.57 -0.40
CA LYS B 161 -20.12 -19.66 -0.74
C LYS B 161 -19.94 -19.71 -2.26
N GLY B 162 -18.68 -19.69 -2.70
CA GLY B 162 -18.36 -19.69 -4.10
C GLY B 162 -18.60 -18.39 -4.83
N LYS B 163 -18.94 -17.31 -4.12
CA LYS B 163 -19.25 -16.03 -4.73
C LYS B 163 -18.12 -15.03 -4.51
N GLY B 164 -17.88 -14.20 -5.51
CA GLY B 164 -16.80 -13.23 -5.44
C GLY B 164 -15.45 -13.86 -5.68
N TYR B 165 -14.43 -13.02 -5.59
CA TYR B 165 -13.06 -13.41 -5.88
C TYR B 165 -12.37 -13.81 -4.58
N ASP B 166 -11.96 -15.08 -4.48
CA ASP B 166 -11.31 -15.61 -3.29
C ASP B 166 -9.83 -15.25 -3.38
N GLN B 167 -9.52 -14.04 -2.92
CA GLN B 167 -8.16 -13.53 -3.01
C GLN B 167 -7.21 -14.35 -2.16
N LEU B 168 -7.66 -14.79 -0.98
CA LEU B 168 -6.77 -15.53 -0.09
C LEU B 168 -6.34 -16.83 -0.75
N GLN B 169 -7.27 -17.59 -1.30
CA GLN B 169 -6.90 -18.84 -1.94
C GLN B 169 -6.09 -18.60 -3.19
N GLN B 170 -6.41 -17.54 -3.95
CA GLN B 170 -5.60 -17.24 -5.13
C GLN B 170 -4.16 -16.91 -4.75
N CYS B 171 -3.95 -16.14 -3.67
CA CYS B 171 -2.59 -15.84 -3.25
C CYS B 171 -1.84 -17.12 -2.88
N ILE B 172 -2.49 -18.02 -2.16
CA ILE B 172 -1.85 -19.27 -1.77
C ILE B 172 -1.48 -20.09 -3.00
N LYS B 173 -2.39 -20.15 -3.97
CA LYS B 173 -2.09 -20.85 -5.22
C LYS B 173 -0.88 -20.24 -5.92
N MET B 174 -0.81 -18.91 -5.98
CA MET B 174 0.32 -18.25 -6.62
C MET B 174 1.62 -18.50 -5.87
N ILE B 175 1.59 -18.49 -4.53
CA ILE B 175 2.81 -18.79 -3.79
C ILE B 175 3.30 -20.20 -4.12
N ARG B 176 2.37 -21.15 -4.28
CA ARG B 176 2.74 -22.52 -4.59
C ARG B 176 3.23 -22.68 -6.02
N GLU B 177 2.60 -22.00 -6.98
CA GLU B 177 2.81 -22.28 -8.41
C GLU B 177 3.67 -21.26 -9.12
N GLU B 178 3.69 -20.02 -8.65
CA GLU B 178 4.47 -18.94 -9.26
C GLU B 178 5.04 -18.05 -8.16
N PRO B 179 5.89 -18.63 -7.31
CA PRO B 179 6.35 -17.88 -6.13
C PRO B 179 7.09 -16.61 -6.46
N GLU B 180 7.67 -16.50 -7.66
CA GLU B 180 8.39 -15.31 -8.07
C GLU B 180 7.47 -14.14 -8.39
N SER B 181 6.17 -14.38 -8.46
CA SER B 181 5.25 -13.34 -8.89
C SER B 181 5.36 -12.08 -8.06
N ARG B 182 5.27 -10.94 -8.75
CA ARG B 182 5.22 -9.62 -8.11
C ARG B 182 3.80 -9.12 -7.97
N ARG B 183 2.83 -10.01 -8.13
CA ARG B 183 1.40 -9.70 -8.15
CA ARG B 183 1.40 -9.73 -8.14
C ARG B 183 0.62 -10.47 -7.06
N ILE B 184 1.26 -10.92 -5.99
CA ILE B 184 0.58 -11.78 -4.98
C ILE B 184 -0.03 -10.81 -3.97
N ILE B 185 -1.25 -10.37 -4.25
CA ILE B 185 -1.90 -9.23 -3.59
CA ILE B 185 -1.87 -9.28 -3.51
C ILE B 185 -3.24 -9.68 -3.00
N MET B 186 -3.58 -9.16 -1.84
CA MET B 186 -4.93 -9.24 -1.32
C MET B 186 -5.32 -7.83 -0.89
N THR B 187 -6.42 -7.31 -1.43
CA THR B 187 -6.92 -5.99 -1.09
C THR B 187 -8.19 -6.09 -0.26
N ALA B 188 -8.33 -5.17 0.69
CA ALA B 188 -9.56 -5.05 1.48
C ALA B 188 -10.31 -3.78 1.14
N TRP B 189 -9.91 -3.09 0.08
CA TRP B 189 -10.45 -1.77 -0.24
C TRP B 189 -11.29 -1.83 -1.51
N ASN B 190 -12.59 -1.63 -1.34
CA ASN B 190 -13.51 -1.54 -2.47
C ASN B 190 -14.35 -0.30 -2.25
N PRO B 191 -14.10 0.80 -2.97
CA PRO B 191 -14.86 2.04 -2.70
C PRO B 191 -16.35 1.86 -2.87
N CYS B 192 -16.78 0.91 -3.69
CA CYS B 192 -18.20 0.67 -3.89
C CYS B 192 -18.87 0.09 -2.65
N ASP B 193 -18.10 -0.44 -1.71
CA ASP B 193 -18.63 -1.00 -0.48
C ASP B 193 -18.58 -0.03 0.71
N LEU B 194 -18.07 1.18 0.53
CA LEU B 194 -17.81 2.01 1.69
C LEU B 194 -19.09 2.44 2.41
N GLU B 195 -20.20 2.58 1.68
CA GLU B 195 -21.45 2.94 2.36
C GLU B 195 -22.06 1.78 3.13
N LYS B 196 -21.56 0.57 2.96
CA LYS B 196 -22.15 -0.61 3.59
C LYS B 196 -21.40 -1.08 4.83
N VAL B 197 -20.26 -0.49 5.15
CA VAL B 197 -19.42 -1.00 6.23
C VAL B 197 -19.61 -0.16 7.46
N ALA B 198 -19.53 -0.82 8.63
CA ALA B 198 -19.54 -0.09 9.88
C ALA B 198 -18.31 0.80 9.98
N LEU B 199 -17.13 0.27 9.63
CA LEU B 199 -15.87 0.97 9.69
C LEU B 199 -15.08 0.51 8.47
N PRO B 200 -14.53 1.40 7.65
CA PRO B 200 -13.70 0.95 6.52
C PRO B 200 -12.44 0.27 7.01
N PRO B 201 -11.98 -0.78 6.33
CA PRO B 201 -10.76 -1.47 6.76
C PRO B 201 -9.59 -0.52 6.97
N CYS B 202 -8.89 -0.70 8.10
CA CYS B 202 -7.68 0.05 8.44
C CYS B 202 -6.46 -0.59 7.80
N HIS B 203 -6.33 -1.90 7.95
CA HIS B 203 -5.25 -2.67 7.34
C HIS B 203 -5.79 -3.12 5.99
N CYS B 204 -5.43 -2.41 4.91
CA CYS B 204 -6.25 -2.47 3.72
C CYS B 204 -5.62 -3.03 2.46
N PHE B 205 -4.32 -3.34 2.45
CA PHE B 205 -3.63 -3.82 1.26
C PHE B 205 -2.52 -4.75 1.74
N VAL B 206 -2.35 -5.90 1.11
CA VAL B 206 -1.37 -6.89 1.53
C VAL B 206 -0.69 -7.45 0.29
N GLN B 207 0.64 -7.60 0.37
CA GLN B 207 1.41 -8.23 -0.70
C GLN B 207 2.30 -9.28 -0.09
N PHE B 208 2.39 -10.43 -0.74
CA PHE B 208 3.30 -11.50 -0.38
C PHE B 208 4.48 -11.55 -1.34
N TYR B 209 5.58 -12.13 -0.89
CA TYR B 209 6.82 -12.15 -1.66
C TYR B 209 7.57 -13.39 -1.25
N VAL B 210 8.18 -14.06 -2.21
CA VAL B 210 8.97 -15.27 -1.94
C VAL B 210 10.37 -15.07 -2.51
N ALA B 211 11.39 -15.29 -1.68
CA ALA B 211 12.75 -15.34 -2.18
C ALA B 211 13.55 -16.24 -1.28
N ASP B 212 14.46 -17.00 -1.88
CA ASP B 212 15.33 -17.90 -1.12
C ASP B 212 14.56 -18.77 -0.13
N GLY B 213 13.41 -19.27 -0.57
CA GLY B 213 12.64 -20.18 0.25
C GLY B 213 11.94 -19.57 1.43
N GLU B 214 11.85 -18.24 1.50
CA GLU B 214 11.22 -17.54 2.61
C GLU B 214 10.04 -16.73 2.09
N LEU B 215 8.93 -16.80 2.83
CA LEU B 215 7.76 -16.00 2.56
C LEU B 215 7.77 -14.75 3.42
N SER B 216 7.65 -13.59 2.76
CA SER B 216 7.47 -12.33 3.46
C SER B 216 6.13 -11.72 3.09
N CYS B 217 5.71 -10.77 3.91
CA CYS B 217 4.42 -10.11 3.74
C CYS B 217 4.59 -8.64 4.05
N GLN B 218 4.04 -7.76 3.20
CA GLN B 218 3.95 -6.34 3.51
C GLN B 218 2.48 -5.99 3.60
N MET B 219 2.10 -5.27 4.66
CA MET B 219 0.75 -4.80 4.82
C MET B 219 0.78 -3.27 4.90
N TYR B 220 -0.15 -2.65 4.17
CA TYR B 220 -0.34 -1.20 4.17
C TYR B 220 -1.55 -0.88 5.01
N GLN B 221 -1.34 -0.02 6.00
CA GLN B 221 -2.39 0.37 6.94
C GLN B 221 -2.63 1.87 6.78
N ARG B 222 -3.82 2.22 6.33
CA ARG B 222 -4.13 3.63 6.07
C ARG B 222 -4.17 4.45 7.36
N SER B 223 -4.48 3.79 8.48
CA SER B 223 -4.77 4.47 9.73
C SER B 223 -4.40 3.53 10.86
N ALA B 224 -3.50 3.97 11.72
CA ALA B 224 -2.95 3.08 12.74
C ALA B 224 -2.95 3.80 14.07
N ASP B 225 -3.70 3.25 15.01
CA ASP B 225 -3.67 3.66 16.40
C ASP B 225 -2.44 3.00 16.99
N MET B 226 -1.40 3.79 17.19
CA MET B 226 -0.11 3.25 17.59
C MET B 226 -0.17 2.60 18.96
N GLY B 227 -1.05 3.08 19.83
CA GLY B 227 -1.12 2.52 21.18
C GLY B 227 -1.84 1.19 21.26
N LEU B 228 -3.07 1.13 20.76
CA LEU B 228 -3.91 -0.05 20.91
C LEU B 228 -3.91 -0.94 19.68
N GLY B 229 -3.96 -0.34 18.50
CA GLY B 229 -4.14 -1.13 17.29
C GLY B 229 -2.87 -1.79 16.82
N VAL B 230 -1.80 -1.00 16.71
CA VAL B 230 -0.60 -1.45 16.02
C VAL B 230 -0.03 -2.74 16.61
N PRO B 231 0.11 -2.88 17.94
CA PRO B 231 0.70 -4.13 18.43
C PRO B 231 -0.12 -5.35 18.02
N PHE B 232 -1.44 -5.20 18.08
CA PHE B 232 -2.36 -6.25 17.68
C PHE B 232 -2.21 -6.54 16.18
N ASN B 233 -2.15 -5.49 15.37
CA ASN B 233 -2.10 -5.66 13.92
C ASN B 233 -0.79 -6.32 13.47
N ILE B 234 0.33 -5.95 14.10
CA ILE B 234 1.61 -6.60 13.80
C ILE B 234 1.49 -8.11 14.02
N ALA B 235 0.91 -8.48 15.16
CA ALA B 235 0.74 -9.89 15.48
C ALA B 235 -0.17 -10.58 14.48
N SER B 236 -1.27 -9.94 14.09
CA SER B 236 -2.21 -10.55 13.15
CA SER B 236 -2.21 -10.57 13.17
C SER B 236 -1.53 -10.93 11.84
N TYR B 237 -0.81 -10.00 11.23
CA TYR B 237 -0.22 -10.27 9.94
C TYR B 237 1.00 -11.14 10.03
N SER B 238 1.74 -11.08 11.14
CA SER B 238 2.83 -12.02 11.32
C SER B 238 2.29 -13.43 11.45
N LEU B 239 1.17 -13.60 12.18
CA LEU B 239 0.55 -14.92 12.28
C LEU B 239 0.05 -15.41 10.93
N LEU B 240 -0.59 -14.53 10.15
CA LEU B 240 -1.04 -14.94 8.82
C LEU B 240 0.13 -15.41 7.96
N THR B 241 1.25 -14.67 8.03
CA THR B 241 2.44 -15.04 7.27
C THR B 241 2.95 -16.41 7.70
N ARG B 242 2.98 -16.67 9.01
CA ARG B 242 3.41 -17.98 9.50
C ARG B 242 2.46 -19.07 9.00
N MET B 243 1.15 -18.83 9.02
CA MET B 243 0.18 -19.82 8.55
C MET B 243 0.39 -20.15 7.08
N ILE B 244 0.53 -19.12 6.25
CA ILE B 244 0.67 -19.36 4.82
C ILE B 244 2.00 -20.00 4.50
N ALA B 245 3.08 -19.58 5.18
CA ALA B 245 4.36 -20.25 4.97
C ALA B 245 4.26 -21.73 5.30
N HIS B 246 3.56 -22.03 6.39
CA HIS B 246 3.42 -23.41 6.84
C HIS B 246 2.74 -24.27 5.79
N ILE B 247 1.64 -23.79 5.22
CA ILE B 247 0.87 -24.60 4.29
C ILE B 247 1.51 -24.68 2.92
N THR B 248 2.46 -23.79 2.62
CA THR B 248 3.15 -23.78 1.33
C THR B 248 4.56 -24.32 1.45
N SER B 249 4.92 -24.88 2.60
CA SER B 249 6.24 -25.47 2.80
C SER B 249 7.36 -24.47 2.55
N LEU B 250 7.15 -23.24 2.98
CA LEU B 250 8.17 -22.20 2.97
C LEU B 250 8.58 -21.86 4.40
N LYS B 251 9.77 -21.30 4.52
CA LYS B 251 10.19 -20.72 5.79
C LYS B 251 9.64 -19.30 5.90
N PRO B 252 9.42 -18.80 7.11
CA PRO B 252 8.98 -17.41 7.24
C PRO B 252 10.16 -16.45 7.12
N GLY B 253 9.90 -15.31 6.46
CA GLY B 253 10.92 -14.30 6.24
C GLY B 253 10.67 -13.10 7.12
N PHE B 254 10.02 -12.08 6.57
CA PHE B 254 9.79 -10.82 7.25
C PHE B 254 8.34 -10.39 7.11
N PHE B 255 7.87 -9.66 8.13
CA PHE B 255 6.65 -8.89 8.03
C PHE B 255 7.04 -7.41 7.97
N ILE B 256 6.60 -6.73 6.92
CA ILE B 256 6.88 -5.31 6.71
C ILE B 256 5.57 -4.55 6.89
N HIS B 257 5.58 -3.62 7.84
CA HIS B 257 4.38 -2.86 8.20
C HIS B 257 4.56 -1.44 7.71
N THR B 258 3.72 -1.03 6.76
CA THR B 258 3.74 0.32 6.21
C THR B 258 2.47 1.02 6.66
N ILE B 259 2.62 2.26 7.13
CA ILE B 259 1.49 3.03 7.64
C ILE B 259 1.36 4.34 6.89
N GLY B 260 0.10 4.72 6.64
CA GLY B 260 -0.29 6.06 6.25
C GLY B 260 -0.31 6.98 7.48
N ASP B 261 -1.50 7.21 8.04
CA ASP B 261 -1.63 8.06 9.23
C ASP B 261 -1.36 7.25 10.48
N ALA B 262 -0.17 7.41 11.04
CA ALA B 262 0.22 6.77 12.29
C ALA B 262 0.00 7.78 13.41
N HIS B 263 -0.83 7.43 14.38
CA HIS B 263 -1.28 8.40 15.35
C HIS B 263 -1.37 7.84 16.75
N VAL B 264 -1.29 8.75 17.69
CA VAL B 264 -1.49 8.49 19.11
C VAL B 264 -2.66 9.35 19.56
N TYR B 265 -3.65 8.72 20.20
CA TYR B 265 -4.76 9.47 20.75
C TYR B 265 -4.30 10.23 21.98
N LEU B 266 -4.78 11.48 22.12
CA LEU B 266 -4.35 12.31 23.23
C LEU B 266 -4.65 11.64 24.56
N THR B 267 -5.75 10.88 24.65
CA THR B 267 -6.11 10.14 25.85
C THR B 267 -5.12 9.02 26.18
N HIS B 268 -4.29 8.61 25.22
CA HIS B 268 -3.36 7.50 25.45
C HIS B 268 -1.97 7.97 25.87
N VAL B 269 -1.69 9.27 25.82
CA VAL B 269 -0.30 9.73 25.92
C VAL B 269 0.32 9.35 27.25
N ASP B 270 -0.42 9.53 28.35
CA ASP B 270 0.15 9.21 29.65
C ASP B 270 0.48 7.72 29.76
N ALA B 271 -0.43 6.86 29.31
CA ALA B 271 -0.17 5.42 29.36
C ALA B 271 1.02 5.05 28.49
N LEU B 272 1.14 5.66 27.31
CA LEU B 272 2.26 5.35 26.43
C LEU B 272 3.57 5.86 26.99
N LYS B 273 3.51 6.92 27.81
CA LYS B 273 4.72 7.39 28.47
C LYS B 273 5.21 6.38 29.52
N VAL B 274 4.28 5.65 30.15
CA VAL B 274 4.69 4.54 31.02
C VAL B 274 5.42 3.48 30.19
N GLN B 275 4.89 3.18 29.02
CA GLN B 275 5.43 2.08 28.23
C GLN B 275 6.81 2.40 27.68
N MET B 276 7.02 3.63 27.23
CA MET B 276 8.29 4.00 26.60
C MET B 276 9.46 3.95 27.56
N GLU B 277 9.21 3.88 28.87
CA GLU B 277 10.27 3.79 29.86
C GLU B 277 10.80 2.38 30.04
N ARG B 278 10.25 1.41 29.31
CA ARG B 278 10.56 0.00 29.52
C ARG B 278 11.53 -0.48 28.46
N LYS B 279 12.55 -1.21 28.90
CA LYS B 279 13.45 -1.87 27.98
C LYS B 279 12.75 -3.10 27.44
N PRO B 280 12.50 -3.19 26.14
CA PRO B 280 11.78 -4.36 25.64
C PRO B 280 12.57 -5.63 25.93
N ARG B 281 11.84 -6.70 26.11
CA ARG B 281 12.41 -8.03 26.26
C ARG B 281 12.40 -8.74 24.92
N PRO B 282 13.20 -9.79 24.77
CA PRO B 282 13.16 -10.57 23.53
C PRO B 282 11.77 -11.10 23.25
N PHE B 283 11.41 -11.15 21.98
CA PHE B 283 10.12 -11.64 21.56
C PHE B 283 9.98 -13.13 21.87
N PRO B 284 8.75 -13.60 22.01
CA PRO B 284 8.49 -15.03 22.12
C PRO B 284 8.78 -15.72 20.80
N LYS B 285 8.76 -17.04 20.83
CA LYS B 285 8.71 -17.82 19.62
C LYS B 285 7.30 -18.35 19.44
N LEU B 286 6.93 -18.59 18.18
CA LEU B 286 5.65 -19.21 17.85
C LEU B 286 5.92 -20.53 17.16
N LYS B 287 5.37 -21.62 17.69
CA LYS B 287 5.47 -22.93 17.07
C LYS B 287 4.10 -23.33 16.55
N ILE B 288 4.06 -23.85 15.33
CA ILE B 288 2.88 -24.49 14.78
C ILE B 288 2.99 -25.99 15.03
N LEU B 289 1.97 -26.56 15.66
CA LEU B 289 2.09 -27.85 16.33
C LEU B 289 1.67 -29.03 15.50
N ARG B 290 1.11 -28.82 14.32
CA ARG B 290 0.82 -29.95 13.46
C ARG B 290 0.90 -29.50 12.03
N ASN B 291 0.97 -30.48 11.15
CA ASN B 291 0.96 -30.19 9.72
C ASN B 291 -0.46 -29.82 9.31
N VAL B 292 -0.59 -28.71 8.60
CA VAL B 292 -1.87 -28.23 8.12
C VAL B 292 -1.66 -27.95 6.65
N GLU B 293 -2.63 -28.35 5.83
CA GLU B 293 -2.46 -28.26 4.38
C GLU B 293 -3.29 -27.16 3.72
N ASN B 294 -4.33 -26.66 4.39
CA ASN B 294 -5.24 -25.70 3.81
C ASN B 294 -5.48 -24.58 4.82
N ILE B 295 -5.60 -23.35 4.32
CA ILE B 295 -5.67 -22.19 5.19
C ILE B 295 -6.91 -22.26 6.07
N ASP B 296 -7.98 -22.90 5.60
CA ASP B 296 -9.22 -22.98 6.35
C ASP B 296 -9.19 -24.05 7.44
N ASP B 297 -8.10 -24.78 7.58
CA ASP B 297 -8.05 -25.92 8.49
C ASP B 297 -7.36 -25.62 9.81
N PHE B 298 -6.84 -24.43 10.01
CA PHE B 298 -6.17 -24.13 11.26
C PHE B 298 -7.17 -23.98 12.40
N ARG B 299 -6.71 -24.31 13.59
CA ARG B 299 -7.47 -24.11 14.82
C ARG B 299 -6.59 -23.40 15.83
N ALA B 300 -7.21 -22.79 16.85
CA ALA B 300 -6.45 -22.00 17.79
C ALA B 300 -5.37 -22.82 18.49
N GLU B 301 -5.65 -24.10 18.78
CA GLU B 301 -4.71 -24.93 19.51
C GLU B 301 -3.55 -25.42 18.65
N ASP B 302 -3.48 -25.00 17.38
CA ASP B 302 -2.31 -25.30 16.56
C ASP B 302 -1.13 -24.38 16.85
N PHE B 303 -1.32 -23.34 17.65
CA PHE B 303 -0.32 -22.30 17.87
C PHE B 303 0.12 -22.32 19.32
N GLU B 304 1.44 -22.44 19.51
CA GLU B 304 2.04 -22.40 20.84
C GLU B 304 2.96 -21.20 20.91
N LEU B 305 2.65 -20.28 21.80
CA LEU B 305 3.49 -19.13 22.06
C LEU B 305 4.44 -19.48 23.20
N ILE B 306 5.74 -19.43 22.92
CA ILE B 306 6.78 -19.85 23.86
C ILE B 306 7.49 -18.63 24.41
N ASN B 307 7.60 -18.56 25.73
CA ASN B 307 8.41 -17.55 26.40
C ASN B 307 7.93 -16.13 26.10
N TYR B 308 6.63 -15.92 26.10
CA TYR B 308 6.08 -14.57 26.06
C TYR B 308 6.11 -14.02 27.47
N LYS B 309 6.85 -12.94 27.67
CA LYS B 309 7.12 -12.41 29.01
C LYS B 309 6.84 -10.91 29.03
N PRO B 310 5.57 -10.51 28.95
CA PRO B 310 5.26 -9.08 28.90
C PRO B 310 5.37 -8.39 30.26
N TYR B 311 5.67 -7.09 30.19
CA TYR B 311 5.61 -6.22 31.34
C TYR B 311 4.16 -6.08 31.80
N PRO B 312 3.92 -5.54 33.00
CA PRO B 312 2.54 -5.43 33.47
C PRO B 312 1.65 -4.73 32.44
N LYS B 313 0.40 -5.20 32.37
CA LYS B 313 -0.55 -4.70 31.38
C LYS B 313 -0.69 -3.19 31.47
N ILE B 314 -0.93 -2.55 30.32
CA ILE B 314 -1.26 -1.13 30.26
C ILE B 314 -2.54 -0.99 29.44
N SER B 315 -3.59 -0.49 30.07
CA SER B 315 -4.90 -0.36 29.44
C SER B 315 -5.08 1.05 28.90
N MET B 316 -5.85 1.15 27.81
CA MET B 316 -6.12 2.43 27.17
C MET B 316 -7.54 2.46 26.62
#